data_1TDZ
#
_entry.id   1TDZ
#
_cell.length_a   91.408
_cell.length_b   91.408
_cell.length_c   141.575
_cell.angle_alpha   90.00
_cell.angle_beta   90.00
_cell.angle_gamma   90.00
#
_symmetry.space_group_name_H-M   'P 41 21 2'
#
loop_
_entity.id
_entity.type
_entity.pdbx_description
1 polymer "5'-D(*CP*TP*CP*TP*TP*TP*(FOX)P*TP*TP*TP*CP*TP*CP*G)-3'"
2 polymer "5'-D(*GP*CP*GP*AP*GP*AP*AP*AP*CP*AP*AP*AP*GP*A)-3'"
3 polymer 'formamidopyrimidine-DNA glycosylase'
4 non-polymer 'ZINC ION'
5 non-polymer GLYCEROL
6 water water
#
loop_
_entity_poly.entity_id
_entity_poly.type
_entity_poly.pdbx_seq_one_letter_code
_entity_poly.pdbx_strand_id
1 'polydeoxyribonucleotide' (DC)(DT)(DC)(DT)(DT)(DT)(FOX)(DT)(DT)(DT)(DC)(DT)(DC)(DG) B
2 'polydeoxyribonucleotide' (DG)(DC)(DG)(DA)(DG)(DA)(DA)(DA)(DC)(DA)(DA)(DA)(DG)(DA) C
3 'polypeptide(L)'
;MPELPEVETVRRELEKRIVGQKIISIEATYPRMVLTGFEQLKKELTGKTIQGISRRGKYLIFEIGDDFRLISHLRMEGKY
RLATLDAPREKHDHLTMKFADGQLIYADVRKFGTWELISTDQVLPYFLKKKIGPEPTYEDFDEKLFREKLRKSTKKIKPY
LLEQTLVAGLGNIYVDEVLWLAKIHPEKETNQLIESSIHLLHDSIIEILQKAIKLGGSSIRTYSALGSTGKMQNELQVYG
KTGEKCSRCGAEIQKIKVAGRGTHFCPVCQQK
;
A
#
loop_
_chem_comp.id
_chem_comp.type
_chem_comp.name
_chem_comp.formula
DA DNA linking 2'-DEOXYADENOSINE-5'-MONOPHOSPHATE 'C10 H14 N5 O6 P'
DC DNA linking 2'-DEOXYCYTIDINE-5'-MONOPHOSPHATE 'C9 H14 N3 O7 P'
DG DNA linking 2'-DEOXYGUANOSINE-5'-MONOPHOSPHATE 'C10 H14 N5 O7 P'
DT DNA linking THYMIDINE-5'-MONOPHOSPHATE 'C10 H15 N2 O8 P'
FOX DNA linking '((1R,2S,4R)-4-{[2-AMINO-5-(FORMYLAMINO)-6-OXO-3,6-DIHYDROPYRIMIDIN-4-YL]AMINO}-2-HYDROXYCYCLOPENTYL)METHYL 5'-PHOSPHATE' 'C11 H18 N5 O7 P'
GOL non-polymer GLYCEROL 'C3 H8 O3'
ZN non-polymer 'ZINC ION' 'Zn 2'
#
# COMPACT_ATOMS: atom_id res chain seq x y z
O1P FOX A 7 0.58 11.62 6.20
P FOX A 7 0.60 10.45 7.15
O2P FOX A 7 -0.45 10.33 8.16
O5' FOX A 7 0.66 9.10 6.29
C5' FOX A 7 1.72 8.85 5.37
C4' FOX A 7 1.35 7.70 4.43
C6' FOX A 7 2.57 7.42 3.54
C3' FOX A 7 1.12 6.38 5.21
O3' FOX A 7 0.40 5.45 4.38
C2' FOX A 7 2.52 5.87 5.42
C1' FOX A 7 3.24 6.14 4.08
N9 FOX A 7 4.69 6.39 4.25
C4 FOX A 7 5.52 6.68 3.16
N3 FOX A 7 5.03 6.52 1.90
C2 FOX A 7 5.79 6.70 0.82
N2 FOX A 7 5.26 6.54 -0.39
N1 FOX A 7 7.09 7.03 0.93
C6 FOX A 7 7.68 7.20 2.17
O6 FOX A 7 8.88 7.51 2.23
C5 FOX A 7 6.88 7.02 3.33
N7 FOX A 7 7.43 7.24 4.54
C8 FOX A 7 7.45 8.47 5.07
O8 FOX A 7 6.51 9.27 4.84
N GLU C 3 2.12 2.81 0.19
CA GLU C 3 0.75 2.63 -0.38
C GLU C 3 0.91 1.63 -1.53
N LEU C 4 -0.15 1.38 -2.26
CA LEU C 4 -0.09 0.36 -3.32
C LEU C 4 1.14 0.49 -4.23
N PRO C 5 1.46 1.67 -4.77
CA PRO C 5 2.61 1.77 -5.68
C PRO C 5 3.95 1.37 -5.06
N GLU C 6 4.16 1.72 -3.80
CA GLU C 6 5.39 1.36 -3.10
C GLU C 6 5.41 -0.16 -2.86
N VAL C 7 4.27 -0.73 -2.46
CA VAL C 7 4.23 -2.18 -2.20
C VAL C 7 4.44 -2.94 -3.53
N GLU C 8 3.81 -2.45 -4.59
CA GLU C 8 4.07 -3.03 -5.94
C GLU C 8 5.55 -2.99 -6.33
N THR C 9 6.24 -1.88 -6.05
CA THR C 9 7.65 -1.71 -6.37
C THR C 9 8.49 -2.76 -5.62
N VAL C 10 8.20 -2.91 -4.32
CA VAL C 10 8.86 -3.94 -3.51
C VAL C 10 8.54 -5.33 -4.07
N ARG C 11 7.28 -5.60 -4.40
CA ARG C 11 6.87 -6.89 -4.96
C ARG C 11 7.70 -7.25 -6.20
N ARG C 12 7.86 -6.27 -7.09
CA ARG C 12 8.61 -6.51 -8.35
C ARG C 12 10.08 -6.78 -8.11
N GLU C 13 10.69 -6.01 -7.21
CA GLU C 13 12.11 -6.18 -6.86
C GLU C 13 12.32 -7.56 -6.24
N LEU C 14 11.45 -7.96 -5.31
CA LEU C 14 11.55 -9.29 -4.71
C LEU C 14 11.30 -10.43 -5.70
N GLU C 15 10.36 -10.26 -6.61
CA GLU C 15 10.04 -11.27 -7.60
C GLU C 15 11.30 -11.60 -8.42
N LYS C 16 12.04 -10.54 -8.73
CA LYS C 16 13.26 -10.61 -9.55
C LYS C 16 14.35 -11.38 -8.84
N ARG C 17 14.43 -11.20 -7.52
CA ARG C 17 15.60 -11.63 -6.78
C ARG C 17 15.51 -12.90 -5.91
N ILE C 18 14.35 -13.18 -5.31
CA ILE C 18 14.26 -14.27 -4.32
C ILE C 18 13.44 -15.45 -4.78
N VAL C 19 12.76 -15.31 -5.92
CA VAL C 19 11.99 -16.42 -6.44
C VAL C 19 12.98 -17.56 -6.80
N GLY C 20 12.67 -18.77 -6.33
CA GLY C 20 13.54 -19.91 -6.52
C GLY C 20 14.49 -20.14 -5.36
N GLN C 21 14.48 -19.26 -4.36
CA GLN C 21 15.42 -19.40 -3.25
C GLN C 21 14.83 -20.29 -2.14
N LYS C 22 15.61 -21.28 -1.71
CA LYS C 22 15.29 -22.07 -0.53
C LYS C 22 15.59 -21.30 0.76
N ILE C 23 14.63 -21.30 1.69
CA ILE C 23 14.81 -20.68 2.97
C ILE C 23 15.63 -21.62 3.84
N ILE C 24 16.81 -21.17 4.26
CA ILE C 24 17.66 -21.99 5.10
C ILE C 24 17.27 -21.90 6.56
N SER C 25 16.97 -20.69 7.03
CA SER C 25 16.54 -20.52 8.39
C SER C 25 15.76 -19.22 8.49
N ILE C 26 15.01 -19.09 9.58
CA ILE C 26 14.25 -17.88 9.88
C ILE C 26 14.49 -17.50 11.32
N GLU C 27 14.81 -16.23 11.58
CA GLU C 27 15.06 -15.76 12.96
C GLU C 27 14.22 -14.52 13.25
N ALA C 28 13.86 -14.34 14.51
CA ALA C 28 13.10 -13.17 14.94
C ALA C 28 13.74 -12.57 16.19
N THR C 29 13.80 -11.25 16.23
CA THR C 29 14.00 -10.57 17.49
C THR C 29 12.73 -9.96 17.97
N TYR C 30 11.72 -9.88 17.09
CA TYR C 30 10.41 -9.39 17.51
C TYR C 30 9.34 -10.37 17.01
N PRO C 31 9.31 -11.57 17.59
CA PRO C 31 8.38 -12.60 17.10
C PRO C 31 6.89 -12.22 17.20
N ARG C 32 6.54 -11.30 18.08
CA ARG C 32 5.14 -10.94 18.28
C ARG C 32 4.48 -10.28 17.06
N MET C 33 5.26 -9.84 16.07
CA MET C 33 4.61 -9.31 14.85
C MET C 33 4.15 -10.41 13.90
N VAL C 34 4.49 -11.67 14.21
CA VAL C 34 3.90 -12.77 13.45
C VAL C 34 2.58 -13.19 14.11
N LEU C 35 1.49 -12.72 13.52
CA LEU C 35 0.17 -12.81 14.16
C LEU C 35 -0.33 -14.27 14.23
N THR C 36 0.19 -15.14 13.39
CA THR C 36 -0.18 -16.55 13.37
C THR C 36 0.77 -17.38 14.21
N GLY C 37 1.79 -16.76 14.79
CA GLY C 37 2.74 -17.46 15.68
C GLY C 37 4.09 -17.71 15.04
N PHE C 38 5.14 -17.16 15.67
CA PHE C 38 6.44 -17.18 15.03
C PHE C 38 7.04 -18.61 14.97
N GLU C 39 6.99 -19.32 16.10
CA GLU C 39 7.57 -20.66 16.11
C GLU C 39 6.89 -21.56 15.10
N GLN C 40 5.58 -21.38 14.94
CA GLN C 40 4.84 -22.14 13.94
C GLN C 40 5.30 -21.84 12.52
N LEU C 41 5.48 -20.54 12.24
CA LEU C 41 5.92 -20.13 10.93
C LEU C 41 7.34 -20.67 10.64
N LYS C 42 8.23 -20.59 11.63
CA LYS C 42 9.60 -21.07 11.46
C LYS C 42 9.57 -22.56 11.13
N LYS C 43 8.71 -23.29 11.83
CA LYS C 43 8.66 -24.74 11.62
C LYS C 43 8.13 -25.07 10.23
N GLU C 44 7.07 -24.37 9.82
CA GLU C 44 6.49 -24.65 8.52
C GLU C 44 7.31 -24.23 7.32
N LEU C 45 8.01 -23.09 7.42
CA LEU C 45 8.68 -22.52 6.24
C LEU C 45 10.16 -22.82 6.06
N THR C 46 10.82 -23.24 7.11
CA THR C 46 12.23 -23.58 7.02
C THR C 46 12.39 -24.74 6.02
N GLY C 47 13.30 -24.57 5.07
CA GLY C 47 13.53 -25.57 4.04
C GLY C 47 12.65 -25.46 2.80
N LYS C 48 11.64 -24.57 2.80
CA LYS C 48 10.78 -24.39 1.63
C LYS C 48 11.36 -23.35 0.69
N THR C 49 10.90 -23.42 -0.55
CA THR C 49 11.39 -22.54 -1.60
C THR C 49 10.36 -21.46 -1.95
N ILE C 50 10.84 -20.24 -2.15
CA ILE C 50 9.93 -19.16 -2.56
C ILE C 50 9.55 -19.31 -4.02
N GLN C 51 8.26 -19.43 -4.30
CA GLN C 51 7.81 -19.65 -5.67
C GLN C 51 7.34 -18.39 -6.40
N GLY C 52 6.98 -17.36 -5.62
CA GLY C 52 6.41 -16.17 -6.24
C GLY C 52 6.08 -15.12 -5.19
N ILE C 53 5.84 -13.89 -5.64
CA ILE C 53 5.41 -12.83 -4.72
C ILE C 53 4.29 -12.09 -5.43
N SER C 54 3.14 -12.01 -4.75
CA SER C 54 1.96 -11.38 -5.31
C SER C 54 1.61 -10.20 -4.40
N ARG C 55 0.56 -9.46 -4.77
CA ARG C 55 0.11 -8.31 -3.96
C ARG C 55 -1.38 -8.20 -4.06
N ARG C 56 -2.03 -7.77 -2.97
CA ARG C 56 -3.44 -7.44 -3.01
C ARG C 56 -3.56 -6.14 -2.23
N GLY C 57 -4.04 -5.08 -2.89
CA GLY C 57 -4.06 -3.77 -2.23
C GLY C 57 -2.66 -3.44 -1.70
N LYS C 58 -2.58 -3.08 -0.41
CA LYS C 58 -1.28 -2.75 0.19
C LYS C 58 -0.59 -3.96 0.83
N TYR C 59 -1.14 -5.17 0.63
CA TYR C 59 -0.57 -6.38 1.24
C TYR C 59 0.38 -7.11 0.28
N LEU C 60 1.54 -7.50 0.80
CA LEU C 60 2.47 -8.36 0.02
C LEU C 60 2.17 -9.79 0.37
N ILE C 61 2.24 -10.68 -0.64
CA ILE C 61 1.95 -12.09 -0.41
C ILE C 61 3.12 -12.93 -0.90
N PHE C 62 3.85 -13.59 0.00
CA PHE C 62 4.94 -14.46 -0.44
C PHE C 62 4.33 -15.83 -0.69
N GLU C 63 4.64 -16.44 -1.84
CA GLU C 63 4.10 -17.77 -2.16
C GLU C 63 5.24 -18.72 -1.93
N ILE C 64 5.10 -19.58 -0.91
CA ILE C 64 6.25 -20.33 -0.38
C ILE C 64 5.83 -21.80 -0.32
N GLY C 65 6.49 -22.64 -1.08
CA GLY C 65 5.91 -23.96 -1.42
C GLY C 65 4.57 -23.84 -2.12
N ASP C 66 3.94 -24.98 -2.37
CA ASP C 66 2.67 -24.96 -3.10
C ASP C 66 1.52 -24.52 -2.21
N ASP C 67 1.69 -24.69 -0.91
CA ASP C 67 0.54 -24.59 -0.03
C ASP C 67 0.55 -23.43 0.99
N PHE C 68 1.62 -22.62 1.04
CA PHE C 68 1.72 -21.59 2.08
C PHE C 68 1.75 -20.21 1.45
N ARG C 69 1.11 -19.27 2.11
CA ARG C 69 1.17 -17.87 1.69
C ARG C 69 1.49 -17.04 2.92
N LEU C 70 2.50 -16.19 2.82
CA LEU C 70 2.84 -15.33 3.96
C LEU C 70 2.35 -13.94 3.58
N ILE C 71 1.38 -13.45 4.33
CA ILE C 71 0.75 -12.14 4.04
C ILE C 71 1.40 -11.12 4.96
N SER C 72 1.97 -10.09 4.33
CA SER C 72 2.79 -9.10 5.06
C SER C 72 2.19 -7.71 4.80
N HIS C 73 1.96 -6.95 5.87
CA HIS C 73 1.50 -5.56 5.71
C HIS C 73 2.58 -4.68 6.33
N LEU C 74 3.02 -3.65 5.60
CA LEU C 74 4.14 -2.81 6.04
C LEU C 74 3.66 -1.66 6.96
N ARG C 75 2.36 -1.45 6.99
CA ARG C 75 1.71 -0.39 7.77
C ARG C 75 2.41 0.97 7.51
N MET C 76 2.86 1.66 8.58
CA MET C 76 3.43 3.02 8.42
C MET C 76 4.89 3.07 7.98
N GLU C 77 5.72 2.18 8.52
CA GLU C 77 7.17 2.31 8.37
C GLU C 77 7.92 1.02 7.99
N GLY C 78 7.22 -0.08 7.67
CA GLY C 78 7.91 -1.32 7.40
C GLY C 78 8.79 -1.21 6.16
N LYS C 79 9.96 -1.85 6.23
CA LYS C 79 10.97 -1.82 5.15
C LYS C 79 11.67 -3.15 5.06
N TYR C 80 11.76 -3.68 3.84
CA TYR C 80 12.52 -4.90 3.58
C TYR C 80 13.86 -4.52 2.93
N ARG C 81 14.88 -5.33 3.19
CA ARG C 81 16.11 -5.19 2.40
C ARG C 81 16.76 -6.55 2.22
N LEU C 82 17.53 -6.69 1.14
CA LEU C 82 18.28 -7.91 0.89
C LEU C 82 19.73 -7.64 1.28
N ALA C 83 20.27 -8.45 2.19
CA ALA C 83 21.55 -8.19 2.81
C ALA C 83 22.46 -9.41 2.75
N THR C 84 23.79 -9.23 2.92
CA THR C 84 24.70 -10.36 2.97
C THR C 84 24.45 -11.07 4.28
N LEU C 85 24.86 -12.33 4.35
CA LEU C 85 24.65 -13.12 5.56
C LEU C 85 25.38 -12.59 6.75
N ASP C 86 26.47 -11.87 6.53
CA ASP C 86 27.22 -11.28 7.63
C ASP C 86 26.82 -9.84 7.95
N ALA C 87 25.70 -9.35 7.41
CA ALA C 87 25.34 -7.95 7.65
C ALA C 87 25.07 -7.73 9.13
N PRO C 88 25.51 -6.61 9.70
CA PRO C 88 25.24 -6.32 11.12
C PRO C 88 23.77 -6.01 11.37
N ARG C 89 23.33 -6.32 12.57
CA ARG C 89 21.98 -5.95 13.01
C ARG C 89 21.82 -4.44 13.03
N GLU C 90 20.67 -3.96 12.58
CA GLU C 90 20.26 -2.57 12.77
C GLU C 90 19.13 -2.53 13.80
N LYS C 91 18.97 -1.38 14.45
CA LYS C 91 18.16 -1.28 15.66
C LYS C 91 16.70 -1.80 15.53
N HIS C 92 16.07 -1.44 14.43
CA HIS C 92 14.65 -1.81 14.28
C HIS C 92 14.43 -3.01 13.32
N ASP C 93 15.48 -3.82 13.09
CA ASP C 93 15.30 -5.10 12.37
C ASP C 93 14.53 -6.08 13.28
N HIS C 94 13.51 -6.76 12.75
CA HIS C 94 12.69 -7.68 13.58
C HIS C 94 12.70 -9.15 13.13
N LEU C 95 12.84 -9.38 11.82
CA LEU C 95 12.68 -10.73 11.27
C LEU C 95 13.67 -10.88 10.14
N THR C 96 14.20 -12.09 9.97
CA THR C 96 14.97 -12.37 8.76
C THR C 96 14.70 -13.77 8.25
N MET C 97 14.64 -13.87 6.93
CA MET C 97 14.65 -15.12 6.21
C MET C 97 16.02 -15.24 5.58
N LYS C 98 16.76 -16.26 6.01
CA LYS C 98 18.13 -16.48 5.51
C LYS C 98 18.13 -17.49 4.38
N PHE C 99 18.81 -17.12 3.30
CA PHE C 99 19.04 -17.96 2.16
C PHE C 99 20.51 -18.40 2.16
N ALA C 100 20.89 -19.18 1.16
CA ALA C 100 22.27 -19.63 1.04
C ALA C 100 23.26 -18.49 0.82
N ASP C 101 22.83 -17.47 0.08
CA ASP C 101 23.73 -16.40 -0.34
C ASP C 101 23.31 -15.00 0.05
N GLY C 102 22.45 -14.87 1.05
CA GLY C 102 22.00 -13.55 1.49
C GLY C 102 20.76 -13.74 2.35
N GLN C 103 20.18 -12.64 2.81
CA GLN C 103 19.02 -12.74 3.71
C GLN C 103 18.06 -11.59 3.43
N LEU C 104 16.77 -11.87 3.61
CA LEU C 104 15.72 -10.86 3.53
C LEU C 104 15.36 -10.39 4.92
N ILE C 105 15.63 -9.11 5.24
CA ILE C 105 15.40 -8.61 6.59
C ILE C 105 14.22 -7.66 6.57
N TYR C 106 13.31 -7.84 7.53
CA TYR C 106 12.23 -6.89 7.77
C TYR C 106 12.50 -5.99 8.97
N ALA C 107 12.44 -4.69 8.75
CA ALA C 107 12.58 -3.69 9.84
C ALA C 107 11.32 -2.82 9.93
N ASP C 108 11.02 -2.31 11.12
CA ASP C 108 9.83 -1.51 11.27
C ASP C 108 9.97 -0.70 12.54
N VAL C 109 10.32 0.58 12.42
CA VAL C 109 10.56 1.39 13.64
C VAL C 109 9.37 1.35 14.60
N ARG C 110 8.15 1.46 14.07
CA ARG C 110 6.97 1.61 14.94
C ARG C 110 6.36 0.26 15.35
N LYS C 111 6.89 -0.83 14.80
CA LYS C 111 6.42 -2.19 15.13
C LYS C 111 4.95 -2.41 14.76
N PHE C 112 4.46 -1.71 13.74
CA PHE C 112 3.04 -1.87 13.37
C PHE C 112 2.82 -2.97 12.33
N GLY C 113 3.83 -3.22 11.49
CA GLY C 113 3.70 -4.17 10.38
C GLY C 113 3.41 -5.59 10.90
N THR C 114 2.79 -6.41 10.06
CA THR C 114 2.33 -7.76 10.48
C THR C 114 2.71 -8.82 9.47
N TRP C 115 2.90 -10.06 9.95
CA TRP C 115 3.04 -11.22 9.10
C TRP C 115 1.98 -12.24 9.54
N GLU C 116 1.33 -12.87 8.56
CA GLU C 116 0.35 -13.94 8.84
C GLU C 116 0.59 -15.08 7.87
N LEU C 117 0.71 -16.32 8.38
CA LEU C 117 0.96 -17.46 7.53
C LEU C 117 -0.37 -18.14 7.34
N ILE C 118 -0.81 -18.25 6.10
CA ILE C 118 -2.07 -18.95 5.86
C ILE C 118 -1.93 -19.87 4.64
N SER C 119 -2.89 -20.77 4.42
CA SER C 119 -2.74 -21.70 3.32
C SER C 119 -3.26 -21.09 2.02
N THR C 120 -2.77 -21.60 0.90
CA THR C 120 -3.19 -21.17 -0.41
C THR C 120 -4.71 -21.01 -0.53
N ASP C 121 -5.49 -22.02 -0.12
CA ASP C 121 -6.95 -21.87 -0.34
C ASP C 121 -7.64 -20.92 0.64
N GLN C 122 -6.88 -20.33 1.57
CA GLN C 122 -7.47 -19.41 2.55
C GLN C 122 -7.20 -17.94 2.20
N VAL C 123 -6.42 -17.70 1.14
CA VAL C 123 -6.04 -16.32 0.74
C VAL C 123 -7.25 -15.54 0.28
N LEU C 124 -8.01 -16.09 -0.67
CA LEU C 124 -9.20 -15.35 -1.06
C LEU C 124 -10.20 -15.11 0.09
N PRO C 125 -10.56 -16.10 0.92
CA PRO C 125 -11.38 -15.81 2.11
C PRO C 125 -10.77 -14.75 3.06
N TYR C 126 -9.45 -14.76 3.20
CA TYR C 126 -8.79 -13.77 4.09
C TYR C 126 -9.12 -12.34 3.60
N PHE C 127 -8.99 -12.11 2.29
CA PHE C 127 -9.28 -10.76 1.77
C PHE C 127 -10.76 -10.41 1.70
N LEU C 128 -11.62 -11.42 1.49
CA LEU C 128 -13.08 -11.20 1.63
C LEU C 128 -13.45 -10.75 3.03
N LYS C 129 -12.84 -11.38 4.05
CA LYS C 129 -13.11 -11.04 5.43
C LYS C 129 -12.67 -9.59 5.73
N LYS C 130 -11.55 -9.17 5.13
CA LYS C 130 -11.04 -7.81 5.28
C LYS C 130 -11.86 -6.79 4.50
N LYS C 131 -12.75 -7.27 3.62
CA LYS C 131 -13.61 -6.38 2.82
C LYS C 131 -12.84 -5.47 1.86
N ILE C 132 -11.68 -5.92 1.43
CA ILE C 132 -10.84 -5.14 0.48
C ILE C 132 -11.62 -5.00 -0.84
N GLY C 133 -11.68 -3.76 -1.36
CA GLY C 133 -12.35 -3.47 -2.62
C GLY C 133 -11.47 -3.82 -3.81
N PRO C 134 -11.92 -3.49 -5.02
CA PRO C 134 -11.20 -3.89 -6.25
C PRO C 134 -9.83 -3.27 -6.42
N GLU C 135 -8.94 -3.98 -7.13
CA GLU C 135 -7.67 -3.35 -7.55
C GLU C 135 -7.96 -2.14 -8.44
N PRO C 136 -7.11 -1.12 -8.38
CA PRO C 136 -7.30 0.14 -9.16
C PRO C 136 -6.82 0.00 -10.62
N THR C 137 -7.53 -0.84 -11.37
CA THR C 137 -7.25 -1.03 -12.80
C THR C 137 -8.55 -0.85 -13.57
N TYR C 138 -8.43 -0.50 -14.85
CA TYR C 138 -9.65 -0.42 -15.66
C TYR C 138 -10.45 -1.72 -15.66
N GLU C 139 -9.75 -2.88 -15.67
CA GLU C 139 -10.45 -4.16 -15.69
C GLU C 139 -11.24 -4.45 -14.41
N ASP C 140 -10.67 -4.12 -13.24
CA ASP C 140 -11.27 -4.54 -12.01
C ASP C 140 -12.14 -3.48 -11.29
N PHE C 141 -11.87 -2.21 -11.57
CA PHE C 141 -12.50 -1.13 -10.77
C PHE C 141 -13.67 -0.63 -11.61
N ASP C 142 -14.83 -1.20 -11.38
CA ASP C 142 -16.05 -0.89 -12.11
C ASP C 142 -16.62 0.46 -11.62
N GLU C 143 -16.60 1.46 -12.51
CA GLU C 143 -17.17 2.76 -12.18
C GLU C 143 -18.65 2.73 -11.79
N LYS C 144 -19.40 1.79 -12.38
CA LYS C 144 -20.82 1.74 -12.07
C LYS C 144 -21.10 1.39 -10.62
N LEU C 145 -20.47 0.34 -10.09
CA LEU C 145 -20.62 0.03 -8.69
C LEU C 145 -20.06 1.14 -7.77
N PHE C 146 -18.91 1.68 -8.16
CA PHE C 146 -18.30 2.81 -7.42
C PHE C 146 -19.34 3.94 -7.28
N ARG C 147 -19.95 4.31 -8.40
CA ARG C 147 -20.94 5.39 -8.41
C ARG C 147 -22.11 5.11 -7.46
N GLU C 148 -22.60 3.86 -7.49
CA GLU C 148 -23.71 3.49 -6.65
C GLU C 148 -23.38 3.55 -5.17
N LYS C 149 -22.19 3.12 -4.79
CA LYS C 149 -21.78 3.18 -3.39
C LYS C 149 -21.65 4.62 -2.92
N LEU C 150 -21.13 5.48 -3.79
CA LEU C 150 -20.98 6.91 -3.43
C LEU C 150 -22.34 7.58 -3.29
N ARG C 151 -23.28 7.23 -4.17
CA ARG C 151 -24.64 7.77 -4.09
C ARG C 151 -25.35 7.43 -2.78
N LYS C 152 -25.08 6.26 -2.24
CA LYS C 152 -25.76 5.70 -1.06
C LYS C 152 -25.24 6.25 0.29
N SER C 153 -24.10 6.93 0.27
CA SER C 153 -23.41 7.29 1.51
C SER C 153 -23.42 8.77 1.83
N THR C 154 -23.38 9.11 3.12
CA THR C 154 -23.13 10.49 3.51
C THR C 154 -21.72 10.66 4.02
N LYS C 155 -20.88 9.60 3.88
CA LYS C 155 -19.48 9.70 4.30
C LYS C 155 -18.77 10.80 3.52
N LYS C 156 -17.73 11.38 4.13
CA LYS C 156 -16.83 12.30 3.45
C LYS C 156 -15.92 11.50 2.50
N ILE C 157 -15.61 12.05 1.34
CA ILE C 157 -14.90 11.26 0.28
C ILE C 157 -13.51 10.81 0.72
N LYS C 158 -12.74 11.68 1.39
CA LYS C 158 -11.38 11.24 1.75
C LYS C 158 -11.42 10.02 2.70
N PRO C 159 -12.08 10.12 3.86
CA PRO C 159 -12.14 8.94 4.73
C PRO C 159 -12.78 7.72 4.06
N TYR C 160 -13.77 7.91 3.20
CA TYR C 160 -14.40 6.74 2.57
C TYR C 160 -13.37 6.10 1.63
N LEU C 161 -12.63 6.90 0.85
CA LEU C 161 -11.57 6.30 -0.01
C LEU C 161 -10.51 5.58 0.79
N LEU C 162 -10.17 6.10 1.96
CA LEU C 162 -9.10 5.49 2.76
C LEU C 162 -9.51 4.11 3.37
N GLU C 163 -10.79 3.81 3.38
CA GLU C 163 -11.27 2.55 4.01
C GLU C 163 -10.80 1.28 3.27
N GLN C 164 -10.41 1.45 2.02
CA GLN C 164 -9.99 0.33 1.14
C GLN C 164 -11.18 -0.45 0.54
N THR C 165 -12.42 -0.06 0.85
CA THR C 165 -13.61 -0.81 0.42
C THR C 165 -14.13 -0.43 -0.95
N LEU C 166 -14.00 0.86 -1.34
CA LEU C 166 -14.45 1.31 -2.66
C LEU C 166 -13.45 0.91 -3.73
N VAL C 167 -12.18 0.85 -3.34
CA VAL C 167 -11.05 0.54 -4.24
C VAL C 167 -9.87 0.35 -3.32
N ALA C 168 -9.00 -0.59 -3.63
CA ALA C 168 -7.84 -0.87 -2.77
C ALA C 168 -6.62 -0.05 -3.13
N GLY C 169 -5.86 0.37 -2.11
CA GLY C 169 -4.48 0.79 -2.32
C GLY C 169 -4.17 2.25 -1.98
N LEU C 170 -5.18 3.09 -1.78
CA LEU C 170 -4.94 4.51 -1.43
C LEU C 170 -4.63 4.68 0.06
N GLY C 171 -3.62 5.52 0.32
CA GLY C 171 -3.36 5.98 1.70
C GLY C 171 -3.26 7.49 1.66
N ASN C 172 -2.58 8.06 2.65
CA ASN C 172 -2.70 9.51 2.79
C ASN C 172 -2.09 10.29 1.64
N ILE C 173 -0.99 9.80 1.08
CA ILE C 173 -0.34 10.57 0.00
C ILE C 173 -1.24 10.54 -1.24
N TYR C 174 -1.61 9.34 -1.72
CA TYR C 174 -2.29 9.29 -3.00
C TYR C 174 -3.75 9.70 -2.89
N VAL C 175 -4.39 9.56 -1.73
CA VAL C 175 -5.77 10.08 -1.62
C VAL C 175 -5.75 11.62 -1.80
N ASP C 176 -4.79 12.28 -1.16
CA ASP C 176 -4.71 13.75 -1.35
C ASP C 176 -4.41 14.10 -2.80
N GLU C 177 -3.45 13.40 -3.41
CA GLU C 177 -3.07 13.66 -4.80
C GLU C 177 -4.23 13.43 -5.74
N VAL C 178 -4.97 12.33 -5.52
CA VAL C 178 -6.10 12.00 -6.39
C VAL C 178 -7.23 13.05 -6.32
N LEU C 179 -7.52 13.49 -5.12
CA LEU C 179 -8.61 14.42 -4.93
C LEU C 179 -8.25 15.78 -5.54
N TRP C 180 -6.98 16.15 -5.44
CA TRP C 180 -6.55 17.39 -6.15
C TRP C 180 -6.69 17.20 -7.66
N LEU C 181 -6.22 16.08 -8.18
CA LEU C 181 -6.31 15.85 -9.63
C LEU C 181 -7.77 15.87 -10.11
N ALA C 182 -8.67 15.25 -9.35
CA ALA C 182 -10.08 15.24 -9.72
C ALA C 182 -10.91 16.47 -9.29
N LYS C 183 -10.25 17.48 -8.70
CA LYS C 183 -10.91 18.73 -8.26
C LYS C 183 -12.08 18.52 -7.30
N ILE C 184 -11.85 17.66 -6.31
CA ILE C 184 -12.82 17.34 -5.29
C ILE C 184 -12.29 17.65 -3.92
N HIS C 185 -13.10 18.34 -3.12
CA HIS C 185 -12.69 18.66 -1.73
C HIS C 185 -12.78 17.41 -0.82
N PRO C 186 -11.78 17.17 0.03
CA PRO C 186 -11.74 15.93 0.83
C PRO C 186 -12.91 15.76 1.80
N GLU C 187 -13.61 16.85 2.16
CA GLU C 187 -14.76 16.73 3.06
C GLU C 187 -16.08 16.64 2.30
N LYS C 188 -16.05 16.60 0.97
CA LYS C 188 -17.27 16.47 0.15
C LYS C 188 -18.02 15.18 0.52
N GLU C 189 -19.29 15.31 0.91
CA GLU C 189 -20.12 14.11 1.21
C GLU C 189 -20.37 13.40 -0.13
N THR C 190 -20.22 12.07 -0.16
CA THR C 190 -20.11 11.43 -1.45
C THR C 190 -21.40 11.46 -2.22
N ASN C 191 -22.52 11.57 -1.52
CA ASN C 191 -23.84 11.58 -2.19
C ASN C 191 -24.11 12.91 -2.88
N GLN C 192 -23.20 13.88 -2.71
CA GLN C 192 -23.26 15.14 -3.42
C GLN C 192 -22.48 15.14 -4.72
N LEU C 193 -21.64 14.11 -4.95
CA LEU C 193 -20.85 14.05 -6.16
C LEU C 193 -21.73 13.76 -7.39
N ILE C 194 -21.54 14.52 -8.46
CA ILE C 194 -22.28 14.30 -9.71
C ILE C 194 -21.57 13.28 -10.57
N GLU C 195 -22.28 12.71 -11.53
CA GLU C 195 -21.72 11.65 -12.36
C GLU C 195 -20.38 11.98 -13.01
N SER C 196 -20.23 13.19 -13.56
CA SER C 196 -19.00 13.54 -14.22
C SER C 196 -17.82 13.65 -13.25
N SER C 197 -18.07 14.09 -12.02
CA SER C 197 -16.99 14.19 -11.02
C SER C 197 -16.59 12.76 -10.61
N ILE C 198 -17.59 11.89 -10.47
CA ILE C 198 -17.29 10.48 -10.12
C ILE C 198 -16.45 9.81 -11.24
N HIS C 199 -16.78 10.11 -12.49
CA HIS C 199 -16.01 9.59 -13.60
C HIS C 199 -14.55 10.06 -13.56
N LEU C 200 -14.36 11.37 -13.37
CA LEU C 200 -13.01 11.90 -13.27
C LEU C 200 -12.26 11.30 -12.08
N LEU C 201 -12.95 11.15 -10.95
CA LEU C 201 -12.30 10.54 -9.77
C LEU C 201 -11.86 9.11 -10.05
N HIS C 202 -12.77 8.32 -10.61
CA HIS C 202 -12.49 6.91 -10.95
C HIS C 202 -11.24 6.83 -11.83
N ASP C 203 -11.21 7.61 -12.89
CA ASP C 203 -10.08 7.54 -13.79
C ASP C 203 -8.79 8.07 -13.15
N SER C 204 -8.90 9.08 -12.29
CA SER C 204 -7.76 9.71 -11.68
C SER C 204 -7.12 8.73 -10.68
N ILE C 205 -7.95 7.94 -10.01
CA ILE C 205 -7.41 6.93 -9.07
C ILE C 205 -6.52 5.96 -9.85
N ILE C 206 -7.06 5.45 -10.96
CA ILE C 206 -6.31 4.49 -11.77
C ILE C 206 -5.06 5.15 -12.31
N GLU C 207 -5.19 6.36 -12.84
CA GLU C 207 -4.05 6.96 -13.54
C GLU C 207 -2.89 7.37 -12.63
N ILE C 208 -3.20 7.92 -11.47
CA ILE C 208 -2.19 8.35 -10.49
C ILE C 208 -1.44 7.12 -9.96
N LEU C 209 -2.18 6.04 -9.69
CA LEU C 209 -1.50 4.87 -9.08
C LEU C 209 -0.63 4.17 -10.12
N GLN C 210 -1.11 4.13 -11.36
CA GLN C 210 -0.30 3.55 -12.42
C GLN C 210 0.94 4.39 -12.71
N LYS C 211 0.80 5.72 -12.67
CA LYS C 211 1.95 6.60 -12.83
C LYS C 211 2.93 6.40 -11.67
N ALA C 212 2.40 6.30 -10.44
CA ALA C 212 3.28 6.10 -9.29
C ALA C 212 4.04 4.76 -9.42
N ILE C 213 3.38 3.71 -9.89
CA ILE C 213 4.06 2.43 -10.13
C ILE C 213 5.18 2.56 -11.16
N LYS C 214 4.86 3.19 -12.28
CA LYS C 214 5.85 3.41 -13.33
C LYS C 214 7.10 4.11 -12.82
N LEU C 215 6.90 5.07 -11.91
CA LEU C 215 7.99 5.85 -11.34
C LEU C 215 8.64 5.25 -10.08
N GLY C 216 8.24 4.03 -9.73
CA GLY C 216 8.88 3.32 -8.64
C GLY C 216 8.51 3.80 -7.26
N GLY C 217 7.32 4.42 -7.16
CA GLY C 217 6.82 4.91 -5.88
C GLY C 217 7.40 6.24 -5.47
N SER C 218 6.92 6.75 -4.32
CA SER C 218 7.40 8.01 -3.74
C SER C 218 8.30 7.73 -2.56
N SER C 219 9.49 8.32 -2.56
CA SER C 219 10.40 8.20 -1.42
C SER C 219 10.40 9.54 -0.72
N ILE C 220 9.93 9.57 0.53
CA ILE C 220 9.62 10.84 1.21
C ILE C 220 10.67 11.17 2.28
N LEU C 226 14.53 -2.14 -0.14
CA LEU C 226 13.76 -2.22 -1.38
C LEU C 226 12.74 -1.06 -1.54
N GLY C 227 12.53 -0.69 -2.81
CA GLY C 227 11.62 0.38 -3.18
C GLY C 227 12.01 1.81 -2.81
N SER C 228 13.21 2.02 -2.25
CA SER C 228 13.54 3.38 -1.79
C SER C 228 14.21 4.30 -2.85
N THR C 229 14.23 3.86 -4.11
CA THR C 229 14.79 4.68 -5.21
C THR C 229 13.69 5.29 -6.12
N GLY C 230 12.56 5.68 -5.52
CA GLY C 230 11.44 6.16 -6.31
C GLY C 230 11.62 7.58 -6.82
N LYS C 231 10.78 7.95 -7.79
CA LYS C 231 10.79 9.29 -8.35
C LYS C 231 9.39 9.97 -8.33
N MET C 232 8.37 9.26 -7.85
CA MET C 232 7.03 9.87 -7.78
C MET C 232 6.95 11.08 -6.85
N GLN C 233 7.81 11.15 -5.83
CA GLN C 233 7.80 12.31 -4.92
C GLN C 233 8.01 13.64 -5.69
N ASN C 234 8.72 13.56 -6.83
CA ASN C 234 8.97 14.74 -7.62
C ASN C 234 7.74 15.17 -8.42
N GLU C 235 6.67 14.38 -8.35
CA GLU C 235 5.48 14.68 -9.11
C GLU C 235 4.30 15.03 -8.22
N LEU C 236 4.51 15.03 -6.91
CA LEU C 236 3.42 15.32 -5.96
C LEU C 236 2.97 16.78 -6.09
N GLN C 237 1.67 16.98 -6.13
CA GLN C 237 1.12 18.33 -6.36
C GLN C 237 0.66 18.99 -5.07
N VAL C 238 0.32 18.19 -4.07
CA VAL C 238 -0.22 18.73 -2.84
C VAL C 238 0.31 18.10 -1.54
N TYR C 239 0.55 16.78 -1.55
CA TYR C 239 0.96 16.16 -0.28
C TYR C 239 2.28 16.77 0.23
N GLY C 240 2.26 17.29 1.44
CA GLY C 240 3.46 17.86 2.07
C GLY C 240 3.86 19.20 1.45
N LYS C 241 2.92 19.81 0.70
CA LYS C 241 3.21 21.03 -0.09
C LYS C 241 2.57 22.28 0.50
N THR C 242 2.18 22.21 1.77
CA THR C 242 1.52 23.29 2.51
C THR C 242 2.28 24.59 2.32
N GLY C 243 1.56 25.63 1.90
CA GLY C 243 2.18 26.94 1.66
C GLY C 243 2.77 27.16 0.31
N GLU C 244 2.99 26.11 -0.48
CA GLU C 244 3.45 26.26 -1.83
C GLU C 244 2.26 26.56 -2.72
N LYS C 245 2.50 26.91 -3.98
CA LYS C 245 1.39 27.36 -4.82
C LYS C 245 0.91 26.20 -5.67
N CYS C 246 -0.41 26.09 -5.84
CA CYS C 246 -0.99 25.11 -6.75
C CYS C 246 -0.47 25.31 -8.17
N SER C 247 -0.06 24.24 -8.82
CA SER C 247 0.48 24.27 -10.17
C SER C 247 -0.55 24.66 -11.24
N ARG C 248 -1.83 24.51 -10.90
CA ARG C 248 -2.91 24.81 -11.86
C ARG C 248 -3.36 26.27 -11.80
N CYS C 249 -3.59 26.79 -10.60
CA CYS C 249 -4.26 28.08 -10.45
C CYS C 249 -3.41 29.12 -9.73
N GLY C 250 -2.39 28.65 -9.02
CA GLY C 250 -1.53 29.50 -8.21
C GLY C 250 -1.94 29.82 -6.80
N ALA C 251 -3.08 29.30 -6.31
CA ALA C 251 -3.46 29.51 -4.92
C ALA C 251 -2.53 28.71 -4.00
N GLU C 252 -2.40 29.16 -2.76
CA GLU C 252 -1.59 28.43 -1.77
C GLU C 252 -2.24 27.12 -1.32
N ILE C 253 -1.46 26.04 -1.37
CA ILE C 253 -1.93 24.78 -0.77
C ILE C 253 -2.13 24.91 0.73
N GLN C 254 -3.26 24.44 1.21
CA GLN C 254 -3.56 24.50 2.61
C GLN C 254 -3.53 23.10 3.21
N LYS C 255 -3.35 23.05 4.52
CA LYS C 255 -3.41 21.79 5.25
C LYS C 255 -4.42 21.90 6.33
N ILE C 256 -5.30 20.89 6.41
CA ILE C 256 -6.29 20.79 7.46
C ILE C 256 -6.28 19.39 8.04
N LYS C 257 -7.12 19.14 9.04
CA LYS C 257 -7.29 17.81 9.59
C LYS C 257 -8.66 17.28 9.18
N VAL C 258 -8.68 16.10 8.56
CA VAL C 258 -9.95 15.46 8.19
C VAL C 258 -9.99 14.05 8.79
N ALA C 259 -10.96 13.80 9.68
CA ALA C 259 -11.08 12.49 10.36
C ALA C 259 -9.72 12.02 10.91
N GLY C 260 -9.02 12.94 11.58
CA GLY C 260 -7.75 12.65 12.22
C GLY C 260 -6.50 12.66 11.36
N ARG C 261 -6.64 12.89 10.04
CA ARG C 261 -5.52 12.82 9.13
C ARG C 261 -5.13 14.17 8.55
N GLY C 262 -3.81 14.40 8.44
CA GLY C 262 -3.28 15.57 7.76
C GLY C 262 -3.76 15.58 6.32
N THR C 263 -4.24 16.74 5.84
CA THR C 263 -4.96 16.77 4.56
C THR C 263 -4.59 17.99 3.75
N HIS C 264 -4.03 17.77 2.56
CA HIS C 264 -3.43 18.85 1.75
C HIS C 264 -4.31 19.11 0.53
N PHE C 265 -4.71 20.35 0.30
CA PHE C 265 -5.63 20.58 -0.83
C PHE C 265 -5.48 22.03 -1.35
N CYS C 266 -5.93 22.25 -2.59
CA CYS C 266 -6.03 23.62 -3.13
C CYS C 266 -7.48 24.13 -2.93
N PRO C 267 -7.66 25.23 -2.20
CA PRO C 267 -9.01 25.76 -1.89
C PRO C 267 -9.74 26.32 -3.09
N VAL C 268 -9.04 26.58 -4.18
CA VAL C 268 -9.69 27.10 -5.40
C VAL C 268 -10.16 25.93 -6.27
N CYS C 269 -9.25 24.99 -6.49
CA CYS C 269 -9.47 23.90 -7.41
C CYS C 269 -10.40 22.84 -6.80
N GLN C 270 -10.42 22.79 -5.47
CA GLN C 270 -11.19 21.82 -4.72
C GLN C 270 -12.22 22.52 -3.87
N GLN C 271 -13.32 22.93 -4.50
CA GLN C 271 -14.34 23.72 -3.83
C GLN C 271 -15.12 22.89 -2.83
N LYS C 272 -15.28 23.45 -1.64
CA LYS C 272 -16.01 22.85 -0.52
C LYS C 272 -17.49 22.64 -0.87
ZN ZN D . -5.52 25.27 -7.58
C1 GOL E . -3.36 -7.80 9.45
O1 GOL E . -4.35 -8.70 9.94
C2 GOL E . -3.85 -6.39 9.11
O2 GOL E . -4.82 -6.36 8.09
C3 GOL E . -2.73 -5.59 8.47
O3 GOL E . -1.71 -5.34 9.38
#